data_5FUK
#
_entry.id   5FUK
#
_cell.length_a   60.010
_cell.length_b   76.670
_cell.length_c   120.800
_cell.angle_alpha   90.00
_cell.angle_beta   90.00
_cell.angle_gamma   90.00
#
_symmetry.space_group_name_H-M   'P 21 21 21'
#
loop_
_entity.id
_entity.type
_entity.pdbx_description
1 polymer MROUPO
2 branched alpha-D-mannopyranose-(1-3)-[alpha-D-mannopyranose-(1-6)]beta-D-mannopyranose-(1-4)-2-acetamido-2-deoxy-beta-D-glucopyranose-(1-4)-2-acetamido-2-deoxy-beta-D-glucopyranose
3 branched alpha-D-mannopyranose-(1-6)-alpha-D-mannopyranose-(1-6)-[alpha-D-mannopyranose-(1-3)]beta-D-mannopyranose-(1-4)-2-acetamido-2-deoxy-beta-D-glucopyranose-(1-4)-2-acetamido-2-deoxy-beta-D-glucopyranose
4 non-polymer 'PROTOPORPHYRIN IX CONTAINING FE'
5 non-polymer 1-(ISOPROPYLAMINO)-3-(1-NAPHTHYLOXY)-2-PROPANOL
6 non-polymer 'PALMITIC ACID'
7 non-polymer (1E,2R)-1-(ISOPROPYLIMINO)-3-(1-NAPHTHYLOXY)PROPAN-2-OL
8 non-polymer 'MAGNESIUM ION'
9 non-polymer 2-acetamido-2-deoxy-beta-D-glucopyranose
10 non-polymer 'PHOSPHATE ION'
11 water water
#
_entity_poly.entity_id   1
_entity_poly.type   'polypeptide(L)'
_entity_poly.pdbx_seq_one_letter_code
;SAHPWKAPGPNDSRGPCPGLNTLANHGFLPRNGRNISVPMIVKAGFEGYNVQSDILILAGKIGMLTSREADTISLEDLKL
HGTIEHDASLSREDVAIGDNLHFNEAIFTTLANSNPGADVYNISSAAQVQHDRLADSLARNPNVTNTDLTATIRSSESAF
FLTVMSAGDPLRGEAPKKFVNVFFREERMPIKEGWKRSTTPITIPLLGPIIERITELSDWKPTGDNCGAIVLSP
;
_entity_poly.pdbx_strand_id   A,B
#
loop_
_chem_comp.id
_chem_comp.type
_chem_comp.name
_chem_comp.formula
BMA D-saccharide, beta linking beta-D-mannopyranose 'C6 H12 O6'
HEM non-polymer 'PROTOPORPHYRIN IX CONTAINING FE' 'C34 H32 Fe N4 O4'
MAN D-saccharide, alpha linking alpha-D-mannopyranose 'C6 H12 O6'
MG non-polymer 'MAGNESIUM ION' 'Mg 2'
NAG D-saccharide, beta linking 2-acetamido-2-deoxy-beta-D-glucopyranose 'C8 H15 N O6'
PLM non-polymer 'PALMITIC ACID' 'C16 H32 O2'
PO4 non-polymer 'PHOSPHATE ION' 'O4 P -3'
RNP non-polymer (1E,2R)-1-(ISOPROPYLIMINO)-3-(1-NAPHTHYLOXY)PROPAN-2-OL 'C16 H19 N O2'
SNP non-polymer 1-(ISOPROPYLAMINO)-3-(1-NAPHTHYLOXY)-2-PROPANOL 'C16 H21 N O2'
#
# COMPACT_ATOMS: atom_id res chain seq x y z
N SER A 1 -13.40 18.16 -30.54
CA SER A 1 -12.74 18.15 -29.20
C SER A 1 -13.62 17.31 -28.24
N ALA A 2 -13.41 15.99 -28.23
CA ALA A 2 -14.01 15.09 -27.23
C ALA A 2 -13.37 15.30 -25.82
N HIS A 3 -12.14 15.79 -25.77
CA HIS A 3 -11.40 15.90 -24.51
C HIS A 3 -10.65 17.19 -24.46
N PRO A 4 -11.35 18.32 -24.52
CA PRO A 4 -10.66 19.58 -24.56
C PRO A 4 -10.05 19.94 -23.18
N TRP A 5 -8.94 20.67 -23.18
CA TRP A 5 -8.35 21.18 -21.97
C TRP A 5 -9.21 22.28 -21.38
N LYS A 6 -9.46 22.19 -20.09
CA LYS A 6 -10.05 23.28 -19.34
C LYS A 6 -9.29 23.45 -18.03
N ALA A 7 -9.04 24.67 -17.65
CA ALA A 7 -8.43 24.98 -16.36
C ALA A 7 -9.23 24.43 -15.18
N PRO A 8 -8.52 23.95 -14.14
CA PRO A 8 -9.26 23.55 -12.98
C PRO A 8 -9.86 24.76 -12.24
N GLY A 9 -11.09 24.64 -11.75
CA GLY A 9 -11.70 25.68 -10.96
C GLY A 9 -11.22 25.54 -9.53
N PRO A 10 -11.58 26.50 -8.64
CA PRO A 10 -11.17 26.49 -7.23
CA PRO A 10 -11.02 26.38 -7.28
C PRO A 10 -11.53 25.21 -6.42
N ASN A 11 -12.58 24.49 -6.84
CA ASN A 11 -13.04 23.29 -6.13
C ASN A 11 -12.66 21.97 -6.80
N ASP A 12 -11.94 22.07 -7.89
CA ASP A 12 -11.50 20.85 -8.60
C ASP A 12 -10.17 20.39 -7.94
N SER A 13 -10.12 19.11 -7.59
CA SER A 13 -8.99 18.61 -6.80
C SER A 13 -7.84 18.26 -7.78
N ARG A 14 -6.68 18.80 -7.46
CA ARG A 14 -5.43 18.46 -8.22
C ARG A 14 -4.33 18.10 -7.27
N GLY A 15 -3.41 17.25 -7.73
CA GLY A 15 -2.34 16.78 -6.83
C GLY A 15 -0.97 17.16 -7.34
N PRO A 16 0.02 16.40 -6.87
CA PRO A 16 1.39 16.67 -7.25
C PRO A 16 1.88 16.00 -8.56
N CYS A 17 1.00 15.30 -9.24
CA CYS A 17 1.34 14.49 -10.43
C CYS A 17 0.83 15.20 -11.69
N PRO A 18 1.74 15.61 -12.55
CA PRO A 18 1.34 16.19 -13.81
C PRO A 18 0.63 15.24 -14.68
N GLY A 19 0.94 13.94 -14.58
CA GLY A 19 0.27 12.96 -15.44
C GLY A 19 -1.23 12.88 -15.20
N LEU A 20 -1.61 12.69 -13.91
CA LEU A 20 -2.97 12.58 -13.58
C LEU A 20 -3.66 13.94 -13.65
N ASN A 21 -3.01 15.01 -13.26
CA ASN A 21 -3.61 16.36 -13.36
C ASN A 21 -4.03 16.69 -14.84
N THR A 22 -3.16 16.31 -15.77
CA THR A 22 -3.38 16.53 -17.16
C THR A 22 -4.56 15.71 -17.66
N LEU A 23 -4.67 14.44 -17.27
CA LEU A 23 -5.81 13.61 -17.63
C LEU A 23 -7.08 14.23 -17.11
N ALA A 24 -7.09 14.70 -15.88
CA ALA A 24 -8.30 15.32 -15.32
C ALA A 24 -8.65 16.61 -16.09
N ASN A 25 -7.63 17.38 -16.44
CA ASN A 25 -7.83 18.70 -17.16
C ASN A 25 -8.41 18.51 -18.58
N HIS A 26 -8.31 17.31 -19.12
CA HIS A 26 -8.91 16.95 -20.41
C HIS A 26 -10.15 16.09 -20.29
N GLY A 27 -10.59 15.80 -19.06
CA GLY A 27 -11.74 14.97 -18.89
C GLY A 27 -11.59 13.47 -19.08
N PHE A 28 -10.35 12.97 -19.19
CA PHE A 28 -10.16 11.53 -19.27
C PHE A 28 -10.38 10.93 -17.86
N LEU A 29 -9.99 11.70 -16.86
CA LEU A 29 -10.43 11.52 -15.48
C LEU A 29 -11.47 12.59 -15.21
N PRO A 30 -12.24 12.43 -14.15
CA PRO A 30 -13.24 13.45 -13.83
C PRO A 30 -12.58 14.77 -13.64
N ARG A 31 -13.15 15.83 -14.28
CA ARG A 31 -12.61 17.14 -14.17
C ARG A 31 -12.54 17.69 -12.76
N ASN A 32 -13.42 17.23 -11.88
CA ASN A 32 -13.31 17.61 -10.51
C ASN A 32 -12.22 16.93 -9.65
N GLY A 33 -11.58 15.92 -10.23
CA GLY A 33 -10.47 15.26 -9.53
C GLY A 33 -10.84 14.40 -8.34
N ARG A 34 -12.10 14.04 -8.24
CA ARG A 34 -12.63 13.34 -7.10
C ARG A 34 -13.18 11.99 -7.46
N ASN A 35 -13.27 11.12 -6.44
CA ASN A 35 -13.83 9.79 -6.58
C ASN A 35 -13.19 8.96 -7.66
N ILE A 36 -11.87 9.02 -7.66
CA ILE A 36 -11.07 8.34 -8.68
C ILE A 36 -10.56 7.00 -8.19
N SER A 37 -10.92 5.95 -8.92
CA SER A 37 -10.52 4.56 -8.61
C SER A 37 -9.36 4.15 -9.50
N VAL A 38 -8.77 3.02 -9.14
CA VAL A 38 -7.69 2.47 -9.95
C VAL A 38 -8.20 2.06 -11.36
N PRO A 39 -9.39 1.41 -11.46
CA PRO A 39 -9.90 1.15 -12.85
C PRO A 39 -10.05 2.40 -13.67
N MET A 40 -10.41 3.52 -13.05
CA MET A 40 -10.59 4.80 -13.81
C MET A 40 -9.21 5.28 -14.28
N ILE A 41 -8.22 5.17 -13.38
CA ILE A 41 -6.83 5.55 -13.75
C ILE A 41 -6.36 4.70 -14.89
N VAL A 42 -6.59 3.39 -14.84
CA VAL A 42 -6.16 2.46 -15.88
C VAL A 42 -6.78 2.88 -17.22
N LYS A 43 -8.10 3.06 -17.22
CA LYS A 43 -8.73 3.46 -18.48
C LYS A 43 -8.29 4.86 -18.99
N ALA A 44 -8.16 5.82 -18.10
CA ALA A 44 -7.73 7.16 -18.49
C ALA A 44 -6.29 7.20 -19.01
N GLY A 45 -5.38 6.46 -18.37
CA GLY A 45 -3.98 6.40 -18.85
C GLY A 45 -3.88 5.75 -20.19
N PHE A 46 -4.72 4.75 -20.42
CA PHE A 46 -4.72 4.09 -21.74
C PHE A 46 -5.24 5.06 -22.82
N GLU A 47 -6.35 5.69 -22.56
CA GLU A 47 -7.00 6.56 -23.57
C GLU A 47 -6.19 7.78 -23.83
N GLY A 48 -5.64 8.37 -22.77
CA GLY A 48 -4.91 9.63 -22.95
C GLY A 48 -3.48 9.48 -23.49
N TYR A 49 -2.76 8.46 -22.99
CA TYR A 49 -1.34 8.32 -23.20
C TYR A 49 -0.85 7.01 -23.79
N ASN A 50 -1.71 5.99 -23.90
CA ASN A 50 -1.31 4.62 -24.26
C ASN A 50 -0.40 3.97 -23.23
N VAL A 51 -0.60 4.38 -21.98
CA VAL A 51 0.06 3.72 -20.87
C VAL A 51 -0.81 2.56 -20.41
N GLN A 52 -0.15 1.41 -20.26
CA GLN A 52 -0.82 0.15 -20.00
C GLN A 52 -1.09 -0.17 -18.54
N SER A 53 -1.90 -1.19 -18.33
CA SER A 53 -2.44 -1.36 -16.99
C SER A 53 -1.41 -1.82 -15.99
N ASP A 54 -0.31 -2.49 -16.40
CA ASP A 54 0.65 -3.02 -15.43
C ASP A 54 1.20 -1.90 -14.52
N ILE A 55 1.67 -0.80 -15.15
CA ILE A 55 2.24 0.24 -14.34
C ILE A 55 1.20 1.04 -13.55
N LEU A 56 0.03 1.20 -14.14
CA LEU A 56 -1.02 2.01 -13.52
C LEU A 56 -1.70 1.29 -12.35
N ILE A 57 -1.78 -0.03 -12.46
CA ILE A 57 -2.26 -0.83 -11.28
C ILE A 57 -1.29 -0.77 -10.12
N LEU A 58 -0.01 -0.94 -10.44
CA LEU A 58 1.02 -0.95 -9.44
C LEU A 58 1.01 0.40 -8.66
N ALA A 59 1.15 1.48 -9.43
CA ALA A 59 1.23 2.81 -8.84
C ALA A 59 -0.11 3.24 -8.26
N GLY A 60 -1.16 2.93 -8.95
CA GLY A 60 -2.52 3.29 -8.53
C GLY A 60 -2.91 2.74 -7.18
N LYS A 61 -2.61 1.47 -6.91
CA LYS A 61 -2.98 0.92 -5.62
C LYS A 61 -2.15 1.49 -4.45
N ILE A 62 -0.91 1.86 -4.71
CA ILE A 62 -0.10 2.58 -3.72
C ILE A 62 -0.75 3.92 -3.46
N GLY A 63 -1.17 4.60 -4.51
CA GLY A 63 -1.83 5.92 -4.38
C GLY A 63 -3.14 5.86 -3.61
N MET A 64 -3.86 4.73 -3.75
CA MET A 64 -5.12 4.57 -3.00
C MET A 64 -4.88 4.65 -1.46
N LEU A 65 -3.67 4.31 -0.95
CA LEU A 65 -3.35 4.39 0.47
C LEU A 65 -3.57 5.78 1.05
N THR A 66 -3.45 6.82 0.20
CA THR A 66 -3.41 8.15 0.65
C THR A 66 -4.78 8.75 1.05
N SER A 67 -5.87 8.04 0.77
CA SER A 67 -7.20 8.50 1.18
C SER A 67 -7.73 7.70 2.36
N ARG A 68 -8.86 8.15 2.93
CA ARG A 68 -9.60 7.35 3.86
C ARG A 68 -10.74 6.57 3.25
N GLU A 69 -10.90 6.56 1.93
CA GLU A 69 -12.02 5.87 1.31
C GLU A 69 -11.62 4.45 0.88
N ALA A 70 -12.59 3.59 0.71
CA ALA A 70 -12.36 2.16 0.40
C ALA A 70 -11.67 1.86 -0.89
N ASP A 71 -11.92 2.66 -1.95
CA ASP A 71 -11.36 2.33 -3.24
C ASP A 71 -11.20 3.52 -4.17
N THR A 72 -11.18 4.73 -3.63
CA THR A 72 -10.99 5.94 -4.41
C THR A 72 -10.17 6.91 -3.65
N ILE A 73 -9.71 7.91 -4.42
CA ILE A 73 -8.99 9.09 -3.93
C ILE A 73 -9.55 10.34 -4.59
N SER A 74 -9.21 11.47 -3.99
CA SER A 74 -9.09 12.75 -4.66
C SER A 74 -7.67 12.95 -5.08
N LEU A 75 -7.46 13.65 -6.23
CA LEU A 75 -6.08 13.84 -6.66
C LEU A 75 -5.21 14.51 -5.61
N GLU A 76 -5.71 15.52 -4.86
CA GLU A 76 -4.90 16.22 -3.92
C GLU A 76 -4.41 15.26 -2.80
N ASP A 77 -5.16 14.18 -2.55
CA ASP A 77 -4.73 13.22 -1.49
C ASP A 77 -3.28 12.73 -1.73
N LEU A 78 -2.93 12.59 -3.01
CA LEU A 78 -1.62 12.09 -3.41
C LEU A 78 -0.46 12.95 -2.96
N LYS A 79 -0.70 14.17 -2.45
CA LYS A 79 0.37 14.92 -1.82
C LYS A 79 0.93 14.35 -0.54
N LEU A 80 0.27 13.34 0.04
CA LEU A 80 0.66 12.76 1.36
C LEU A 80 2.14 12.38 1.32
N HIS A 81 2.94 13.10 2.10
CA HIS A 81 4.37 12.92 1.99
C HIS A 81 4.80 11.56 2.49
N GLY A 82 5.61 10.88 1.70
CA GLY A 82 6.10 9.62 2.15
C GLY A 82 5.32 8.37 1.76
N THR A 83 4.24 8.52 1.02
CA THR A 83 3.61 7.39 0.38
C THR A 83 4.26 7.25 -1.00
N ILE A 84 3.83 8.07 -1.93
CA ILE A 84 4.56 8.27 -3.18
C ILE A 84 5.32 9.61 -3.20
N GLU A 85 4.65 10.65 -2.77
CA GLU A 85 5.25 11.97 -2.81
C GLU A 85 6.52 11.96 -2.08
N HIS A 86 7.51 12.63 -2.66
CA HIS A 86 8.89 12.56 -2.19
C HIS A 86 9.62 13.90 -2.39
N ASP A 87 10.70 14.06 -1.64
CA ASP A 87 11.56 15.22 -1.85
C ASP A 87 12.33 15.12 -3.18
N ALA A 88 12.94 16.23 -3.57
CA ALA A 88 13.74 16.27 -4.84
C ALA A 88 12.83 15.94 -6.02
N SER A 89 11.63 16.55 -6.03
CA SER A 89 10.73 16.56 -7.19
C SER A 89 11.31 17.51 -8.24
N LEU A 90 10.86 17.26 -9.48
CA LEU A 90 11.30 18.03 -10.63
C LEU A 90 10.59 19.40 -10.69
N SER A 91 9.45 19.54 -10.01
CA SER A 91 8.67 20.77 -10.23
C SER A 91 7.92 21.25 -9.01
N ARG A 92 8.12 20.55 -7.90
CA ARG A 92 7.50 20.90 -6.62
C ARG A 92 8.64 21.07 -5.63
N GLU A 93 8.29 21.83 -4.57
CA GLU A 93 9.22 21.94 -3.44
C GLU A 93 9.11 20.78 -2.45
N ASP A 94 10.15 20.60 -1.65
CA ASP A 94 10.14 19.61 -0.55
C ASP A 94 9.16 20.07 0.54
N VAL A 95 8.37 19.13 1.07
CA VAL A 95 7.32 19.50 2.04
C VAL A 95 7.92 20.19 3.28
N ALA A 96 9.11 19.85 3.69
CA ALA A 96 9.65 20.40 4.95
C ALA A 96 10.02 21.89 4.83
N ILE A 97 10.27 22.35 3.60
CA ILE A 97 10.71 23.72 3.35
C ILE A 97 9.86 24.46 2.35
N GLY A 98 8.72 23.90 1.96
CA GLY A 98 7.86 24.50 0.99
C GLY A 98 6.64 23.71 0.63
N ASP A 99 6.07 24.04 -0.51
CA ASP A 99 4.80 23.54 -1.07
C ASP A 99 5.09 22.34 -1.93
N ASN A 100 4.67 21.16 -1.47
CA ASN A 100 4.95 19.89 -2.19
C ASN A 100 3.82 19.51 -3.14
N LEU A 101 2.87 20.40 -3.37
CA LEU A 101 1.68 20.15 -4.18
C LEU A 101 1.65 20.82 -5.56
N HIS A 102 1.87 22.14 -5.62
CA HIS A 102 1.69 22.90 -6.84
C HIS A 102 2.98 23.03 -7.67
N PHE A 103 2.79 23.18 -8.97
CA PHE A 103 3.89 23.49 -9.88
C PHE A 103 4.63 24.74 -9.47
N ASN A 104 5.95 24.68 -9.38
CA ASN A 104 6.75 25.84 -9.02
C ASN A 104 7.83 26.09 -10.06
N GLU A 105 7.75 27.24 -10.75
CA GLU A 105 8.68 27.44 -11.85
C GLU A 105 10.07 27.55 -11.35
N ALA A 106 10.31 28.15 -10.17
CA ALA A 106 11.67 28.25 -9.67
C ALA A 106 12.36 26.86 -9.47
N ILE A 107 11.57 25.89 -8.97
CA ILE A 107 12.10 24.51 -8.91
C ILE A 107 12.30 23.95 -10.34
N PHE A 108 11.32 24.16 -11.21
CA PHE A 108 11.33 23.60 -12.59
C PHE A 108 12.48 24.15 -13.46
N THR A 109 13.10 25.28 -13.03
CA THR A 109 14.17 25.88 -13.79
C THR A 109 15.29 24.90 -14.11
N THR A 110 15.59 23.99 -13.20
CA THR A 110 16.69 23.02 -13.39
C THR A 110 16.36 22.17 -14.63
N LEU A 111 15.16 21.59 -14.64
CA LEU A 111 14.77 20.80 -15.80
C LEU A 111 14.69 21.67 -17.06
N ALA A 112 14.07 22.84 -16.94
CA ALA A 112 13.91 23.68 -18.12
C ALA A 112 15.23 24.10 -18.78
N ASN A 113 16.28 24.22 -17.97
CA ASN A 113 17.63 24.63 -18.45
C ASN A 113 18.49 23.44 -18.87
N SER A 114 17.96 22.21 -18.73
CA SER A 114 18.80 21.02 -18.98
C SER A 114 18.98 20.77 -20.48
N ASN A 115 19.86 19.82 -20.75
CA ASN A 115 20.26 19.48 -22.16
C ASN A 115 20.51 20.71 -23.05
N PRO A 116 21.31 21.63 -22.55
CA PRO A 116 21.54 22.94 -23.26
C PRO A 116 22.01 22.70 -24.71
N GLY A 117 21.53 23.49 -25.65
CA GLY A 117 21.92 23.29 -27.03
C GLY A 117 20.83 22.51 -27.76
N ALA A 118 20.23 21.52 -27.12
CA ALA A 118 19.31 20.62 -27.82
C ALA A 118 17.84 21.00 -27.66
N ASP A 119 17.00 20.44 -28.50
CA ASP A 119 15.57 20.69 -28.47
C ASP A 119 14.75 19.58 -27.82
N VAL A 120 15.50 18.62 -27.25
CA VAL A 120 14.88 17.50 -26.52
C VAL A 120 15.51 17.34 -25.16
N TYR A 121 14.71 16.82 -24.19
CA TYR A 121 15.24 16.19 -22.99
C TYR A 121 15.49 14.70 -23.25
N ASN A 122 16.55 14.17 -22.70
CA ASN A 122 16.82 12.75 -22.93
C ASN A 122 17.30 12.04 -21.70
N ILE A 123 17.72 10.79 -21.82
CA ILE A 123 18.06 10.03 -20.63
C ILE A 123 19.22 10.66 -19.90
N SER A 124 20.28 11.12 -20.63
CA SER A 124 21.39 11.67 -19.87
C SER A 124 21.06 13.03 -19.19
N SER A 125 20.28 13.87 -19.87
CA SER A 125 19.88 15.15 -19.24
C SER A 125 18.92 14.88 -18.08
N ALA A 126 18.04 13.93 -18.20
CA ALA A 126 17.13 13.57 -17.04
C ALA A 126 17.95 13.10 -15.86
N ALA A 127 19.00 12.32 -16.09
CA ALA A 127 19.83 11.90 -15.01
C ALA A 127 20.54 13.05 -14.33
N GLN A 128 21.05 14.01 -15.12
CA GLN A 128 21.75 15.18 -14.57
C GLN A 128 20.77 16.03 -13.75
N VAL A 129 19.57 16.13 -14.25
CA VAL A 129 18.50 16.91 -13.48
C VAL A 129 18.26 16.24 -12.15
N GLN A 130 18.08 14.94 -12.16
CA GLN A 130 17.90 14.23 -10.90
C GLN A 130 19.01 14.45 -9.87
N HIS A 131 20.23 14.30 -10.37
CA HIS A 131 21.43 14.58 -9.57
C HIS A 131 21.37 15.99 -8.95
N ASP A 132 21.08 16.96 -9.78
CA ASP A 132 21.08 18.37 -9.35
C ASP A 132 19.91 18.68 -8.37
N ARG A 133 18.73 18.11 -8.63
CA ARG A 133 17.58 18.27 -7.75
C ARG A 133 17.87 17.66 -6.37
N LEU A 134 18.43 16.44 -6.35
CA LEU A 134 18.77 15.84 -5.11
C LEU A 134 19.88 16.68 -4.39
N ALA A 135 20.90 17.13 -5.11
CA ALA A 135 21.86 18.02 -4.48
C ALA A 135 21.23 19.25 -3.82
N ASP A 136 20.22 19.84 -4.46
CA ASP A 136 19.55 21.01 -3.93
C ASP A 136 18.86 20.63 -2.61
N SER A 137 18.10 19.52 -2.59
CA SER A 137 17.45 19.06 -1.36
C SER A 137 18.52 18.69 -0.26
N LEU A 138 19.63 18.07 -0.62
CA LEU A 138 20.64 17.78 0.35
C LEU A 138 21.16 19.11 0.96
N ALA A 139 21.32 20.14 0.16
CA ALA A 139 21.89 21.38 0.65
C ALA A 139 20.92 22.17 1.54
N ARG A 140 19.63 22.12 1.20
CA ARG A 140 18.67 23.10 1.74
C ARG A 140 17.65 22.53 2.65
N ASN A 141 17.51 21.22 2.64
CA ASN A 141 16.48 20.58 3.44
C ASN A 141 17.08 19.63 4.44
N PRO A 142 17.17 20.04 5.71
CA PRO A 142 17.72 19.13 6.73
C PRO A 142 16.94 17.84 6.95
N ASN A 143 15.65 17.82 6.61
CA ASN A 143 14.80 16.64 6.80
C ASN A 143 14.64 15.78 5.55
N VAL A 144 15.53 15.95 4.57
CA VAL A 144 15.46 15.24 3.29
C VAL A 144 15.37 13.75 3.50
N THR A 145 14.51 13.09 2.71
CA THR A 145 14.51 11.64 2.67
C THR A 145 14.94 11.18 1.30
N ASN A 146 15.99 10.38 1.22
CA ASN A 146 16.54 9.95 -0.03
C ASN A 146 16.96 8.50 0.13
N THR A 147 16.17 7.57 -0.41
CA THR A 147 16.35 6.13 -0.29
C THR A 147 16.33 5.40 -1.64
N ASP A 148 16.66 4.11 -1.66
CA ASP A 148 16.54 3.30 -2.86
C ASP A 148 15.12 3.49 -3.45
N LEU A 149 14.13 3.52 -2.61
CA LEU A 149 12.75 3.63 -3.05
C LEU A 149 12.41 5.01 -3.67
N THR A 150 12.80 6.09 -2.98
CA THR A 150 12.54 7.42 -3.56
C THR A 150 13.31 7.58 -4.86
N ALA A 151 14.50 7.06 -4.92
CA ALA A 151 15.31 7.22 -6.12
C ALA A 151 14.72 6.47 -7.34
N THR A 152 14.20 5.30 -7.07
CA THR A 152 13.49 4.52 -8.05
C THR A 152 12.24 5.20 -8.52
N ILE A 153 11.46 5.77 -7.59
CA ILE A 153 10.24 6.49 -7.95
C ILE A 153 10.61 7.68 -8.83
N ARG A 154 11.63 8.38 -8.43
CA ARG A 154 12.10 9.54 -9.22
C ARG A 154 12.49 9.17 -10.65
N SER A 155 13.33 8.14 -10.80
CA SER A 155 13.68 7.71 -12.15
C SER A 155 12.44 7.26 -12.98
N SER A 156 11.48 6.62 -12.31
CA SER A 156 10.25 6.24 -12.94
C SER A 156 9.45 7.41 -13.46
N GLU A 157 9.40 8.46 -12.66
CA GLU A 157 8.70 9.68 -13.06
C GLU A 157 9.41 10.35 -14.25
N SER A 158 10.72 10.41 -14.23
CA SER A 158 11.47 10.91 -15.38
C SER A 158 11.15 10.10 -16.64
N ALA A 159 11.22 8.77 -16.52
CA ALA A 159 10.87 7.92 -17.63
C ALA A 159 9.43 8.11 -18.13
N PHE A 160 8.50 8.39 -17.22
N PHE A 160 8.48 8.36 -17.22
CA PHE A 160 7.13 8.68 -17.60
CA PHE A 160 7.10 8.66 -17.63
C PHE A 160 7.01 9.93 -18.51
C PHE A 160 7.09 9.89 -18.57
N PHE A 161 7.68 11.02 -18.15
CA PHE A 161 7.58 12.24 -18.98
C PHE A 161 8.26 12.04 -20.30
N LEU A 162 9.40 11.32 -20.27
CA LEU A 162 10.17 11.11 -21.49
C LEU A 162 9.40 10.27 -22.48
N THR A 163 8.68 9.27 -22.01
CA THR A 163 7.96 8.39 -22.91
C THR A 163 6.60 8.93 -23.31
N VAL A 164 5.79 9.41 -22.37
CA VAL A 164 4.47 9.83 -22.67
C VAL A 164 4.48 11.09 -23.55
N MET A 165 5.45 11.98 -23.34
CA MET A 165 5.53 13.26 -24.11
C MET A 165 6.45 13.18 -25.32
N SER A 166 6.79 11.96 -25.74
CA SER A 166 7.72 11.80 -26.86
C SER A 166 7.02 12.27 -28.21
N ALA A 167 7.91 12.36 -29.21
CA ALA A 167 7.56 12.75 -30.54
C ALA A 167 7.02 11.61 -31.34
N GLY A 168 6.71 10.48 -30.69
CA GLY A 168 5.94 9.42 -31.26
C GLY A 168 6.56 8.04 -31.02
N ASP A 169 7.88 7.95 -30.76
CA ASP A 169 8.48 6.63 -30.45
C ASP A 169 8.98 6.62 -29.02
N PRO A 170 8.16 6.13 -28.06
CA PRO A 170 8.63 6.20 -26.65
C PRO A 170 9.94 5.43 -26.35
N LEU A 171 10.29 4.46 -27.19
CA LEU A 171 11.52 3.74 -26.91
C LEU A 171 12.74 4.62 -27.03
N ARG A 172 12.67 5.75 -27.73
CA ARG A 172 13.87 6.55 -27.90
C ARG A 172 14.42 7.17 -26.56
N GLY A 173 13.57 7.28 -25.55
CA GLY A 173 13.89 7.92 -24.30
C GLY A 173 14.29 9.38 -24.48
N GLU A 174 13.56 10.05 -25.32
CA GLU A 174 13.69 11.49 -25.49
C GLU A 174 12.38 12.15 -25.82
N ALA A 175 12.25 13.43 -25.40
CA ALA A 175 11.01 14.14 -25.64
C ALA A 175 11.30 15.59 -25.92
N PRO A 176 10.57 16.13 -26.94
CA PRO A 176 10.68 17.60 -27.27
C PRO A 176 10.47 18.47 -26.01
N LYS A 177 11.42 19.39 -25.76
CA LYS A 177 11.26 20.30 -24.64
C LYS A 177 9.96 21.09 -24.74
N LYS A 178 9.53 21.43 -25.96
CA LYS A 178 8.29 22.18 -26.14
C LYS A 178 7.05 21.43 -25.62
N PHE A 179 7.04 20.08 -25.71
CA PHE A 179 5.93 19.30 -25.22
C PHE A 179 6.03 19.14 -23.68
N VAL A 180 7.23 18.82 -23.21
CA VAL A 180 7.42 18.53 -21.77
C VAL A 180 7.15 19.78 -20.96
N ASN A 181 7.59 20.93 -21.49
CA ASN A 181 7.38 22.18 -20.74
C ASN A 181 5.92 22.54 -20.60
N VAL A 182 5.11 22.36 -21.61
CA VAL A 182 3.68 22.55 -21.48
C VAL A 182 3.02 21.58 -20.50
N PHE A 183 3.40 20.31 -20.62
CA PHE A 183 2.87 19.25 -19.73
C PHE A 183 3.09 19.67 -18.28
N PHE A 184 4.30 20.07 -17.88
CA PHE A 184 4.51 20.48 -16.49
C PHE A 184 3.83 21.83 -16.16
N ARG A 185 4.07 22.86 -16.99
CA ARG A 185 3.67 24.21 -16.64
C ARG A 185 2.17 24.41 -16.71
N GLU A 186 1.48 23.73 -17.62
CA GLU A 186 0.08 23.90 -17.82
C GLU A 186 -0.77 22.72 -17.48
N GLU A 187 -0.15 21.54 -17.36
CA GLU A 187 -0.89 20.30 -17.21
C GLU A 187 -1.93 20.15 -18.32
N ARG A 188 -1.36 20.25 -19.52
CA ARG A 188 -2.09 20.17 -20.75
C ARG A 188 -1.34 19.31 -21.74
N MET A 189 -2.08 18.54 -22.52
CA MET A 189 -1.53 17.77 -23.61
C MET A 189 -1.17 18.77 -24.73
N PRO A 190 0.05 18.80 -25.16
CA PRO A 190 0.47 19.89 -26.08
C PRO A 190 0.17 19.58 -27.59
N ILE A 191 -1.12 19.49 -27.81
CA ILE A 191 -1.72 19.10 -29.06
C ILE A 191 -1.48 20.17 -30.13
N LYS A 192 -1.78 21.43 -29.83
CA LYS A 192 -1.55 22.52 -30.78
C LYS A 192 -0.08 22.56 -31.13
N GLU A 193 0.80 22.26 -30.16
CA GLU A 193 2.22 22.24 -30.38
C GLU A 193 2.76 21.06 -31.25
N GLY A 194 1.93 20.05 -31.45
CA GLY A 194 2.17 18.99 -32.35
C GLY A 194 2.30 17.60 -31.70
N TRP A 195 2.08 17.50 -30.39
CA TRP A 195 2.06 16.17 -29.78
C TRP A 195 0.84 15.35 -30.13
N LYS A 196 1.06 14.02 -30.16
CA LYS A 196 0.03 13.06 -30.26
C LYS A 196 0.33 11.89 -29.33
N ARG A 197 -0.72 11.31 -28.83
CA ARG A 197 -0.67 10.05 -28.05
C ARG A 197 0.22 9.01 -28.72
N SER A 198 1.09 8.36 -27.96
CA SER A 198 1.90 7.30 -28.53
C SER A 198 1.07 6.23 -29.23
N THR A 199 1.51 5.76 -30.39
CA THR A 199 0.93 4.58 -30.99
C THR A 199 1.56 3.30 -30.40
N THR A 200 2.68 3.39 -29.65
CA THR A 200 3.31 2.21 -29.04
C THR A 200 2.85 2.16 -27.56
N PRO A 201 2.34 1.02 -27.08
CA PRO A 201 2.01 0.87 -25.65
C PRO A 201 3.17 1.10 -24.74
N ILE A 202 2.94 1.88 -23.67
CA ILE A 202 3.96 2.15 -22.69
C ILE A 202 3.72 1.24 -21.51
N THR A 203 4.65 0.33 -21.28
CA THR A 203 4.49 -0.77 -20.33
C THR A 203 5.68 -0.83 -19.34
N ILE A 204 5.59 -1.75 -18.39
CA ILE A 204 6.71 -1.91 -17.43
C ILE A 204 7.97 -2.36 -18.16
N PRO A 205 7.88 -3.36 -19.06
CA PRO A 205 9.13 -3.72 -19.72
C PRO A 205 9.70 -2.64 -20.69
N LEU A 206 8.83 -1.79 -21.26
CA LEU A 206 9.34 -0.67 -22.05
C LEU A 206 10.08 0.33 -21.12
N LEU A 207 9.46 0.64 -19.96
CA LEU A 207 10.04 1.61 -19.05
C LEU A 207 11.30 1.18 -18.36
N GLY A 208 11.36 -0.09 -17.94
CA GLY A 208 12.34 -0.53 -17.02
C GLY A 208 13.77 -0.20 -17.40
N PRO A 209 14.17 -0.46 -18.66
CA PRO A 209 15.58 -0.14 -19.02
C PRO A 209 15.85 1.36 -19.03
N ILE A 210 14.85 2.17 -19.40
CA ILE A 210 14.97 3.60 -19.34
C ILE A 210 15.25 4.04 -17.91
N ILE A 211 14.42 3.58 -16.97
CA ILE A 211 14.56 3.83 -15.55
C ILE A 211 15.94 3.49 -15.04
N GLU A 212 16.40 2.27 -15.40
CA GLU A 212 17.71 1.86 -14.86
C GLU A 212 18.81 2.74 -15.44
N ARG A 213 18.69 3.13 -16.71
CA ARG A 213 19.73 3.98 -17.33
C ARG A 213 19.78 5.38 -16.71
N ILE A 214 18.62 5.94 -16.44
CA ILE A 214 18.56 7.23 -15.75
C ILE A 214 19.25 7.16 -14.42
N THR A 215 18.92 6.11 -13.65
CA THR A 215 19.52 5.93 -12.35
C THR A 215 21.03 5.76 -12.49
N GLU A 216 21.43 4.94 -13.45
CA GLU A 216 22.88 4.68 -13.63
C GLU A 216 23.70 5.92 -13.96
N LEU A 217 23.15 6.86 -14.71
CA LEU A 217 23.82 8.07 -15.17
C LEU A 217 23.76 9.25 -14.14
N SER A 218 22.98 9.08 -13.10
CA SER A 218 22.66 10.20 -12.17
C SER A 218 23.64 10.29 -10.95
N ASP A 219 24.69 9.46 -10.90
CA ASP A 219 25.69 9.42 -9.80
C ASP A 219 25.00 9.48 -8.41
N TRP A 220 24.06 8.54 -8.20
CA TRP A 220 23.24 8.49 -7.04
C TRP A 220 23.91 7.76 -5.89
N LYS A 221 23.66 8.23 -4.67
CA LYS A 221 23.96 7.51 -3.45
C LYS A 221 22.81 7.76 -2.44
N PRO A 222 22.55 6.78 -1.55
CA PRO A 222 21.56 7.01 -0.48
C PRO A 222 21.98 7.98 0.62
N THR A 223 21.01 8.44 1.41
CA THR A 223 21.22 9.33 2.55
C THR A 223 20.69 8.69 3.83
N GLY A 224 21.35 8.93 4.94
CA GLY A 224 20.79 8.46 6.20
C GLY A 224 20.66 6.96 6.27
N ASP A 225 19.58 6.52 6.94
CA ASP A 225 19.23 5.11 7.20
C ASP A 225 19.02 4.30 5.94
N ASN A 226 18.71 4.96 4.84
CA ASN A 226 18.33 4.25 3.61
C ASN A 226 17.18 3.26 3.82
N CYS A 227 16.17 3.71 4.55
CA CYS A 227 15.00 2.82 4.87
C CYS A 227 13.80 3.14 3.95
N GLY A 228 13.40 2.15 3.15
CA GLY A 228 12.24 2.31 2.25
C GLY A 228 10.85 2.19 2.88
N ALA A 229 10.70 2.60 4.15
CA ALA A 229 9.37 2.62 4.80
C ALA A 229 8.49 3.69 4.15
N ILE A 230 7.30 3.30 3.74
CA ILE A 230 6.30 4.24 3.29
C ILE A 230 5.22 4.50 4.34
N VAL A 231 4.57 5.63 4.18
CA VAL A 231 3.38 5.99 4.91
C VAL A 231 2.17 5.22 4.36
N LEU A 232 1.49 4.45 5.20
CA LEU A 232 0.47 3.51 4.75
C LEU A 232 -0.95 3.98 4.82
N SER A 233 -1.15 5.16 5.35
CA SER A 233 -2.53 5.76 5.40
C SER A 233 -2.42 7.17 5.88
N PRO A 234 -3.45 7.96 5.64
CA PRO A 234 -3.42 9.24 6.29
C PRO A 234 -3.73 9.03 7.83
N SER B 1 -28.73 -21.59 8.78
CA SER B 1 -28.24 -21.83 7.39
C SER B 1 -28.40 -20.60 6.43
N ALA B 2 -28.59 -19.39 6.96
CA ALA B 2 -28.00 -18.20 6.31
C ALA B 2 -26.56 -18.17 6.86
N HIS B 3 -25.67 -18.01 5.93
CA HIS B 3 -24.20 -18.13 6.18
C HIS B 3 -23.70 -19.31 6.96
N PRO B 4 -24.00 -20.52 6.49
CA PRO B 4 -23.46 -21.67 7.12
C PRO B 4 -21.97 -21.87 6.83
N TRP B 5 -21.29 -22.51 7.74
CA TRP B 5 -19.91 -22.91 7.55
C TRP B 5 -19.86 -24.09 6.62
N LYS B 6 -18.98 -24.04 5.64
CA LYS B 6 -18.73 -25.22 4.80
C LYS B 6 -17.23 -25.23 4.62
N ALA B 7 -16.60 -26.38 4.83
CA ALA B 7 -15.16 -26.53 4.74
C ALA B 7 -14.69 -26.16 3.32
N PRO B 8 -13.54 -25.48 3.18
CA PRO B 8 -13.14 -25.07 1.83
C PRO B 8 -12.62 -26.28 1.05
N GLY B 9 -12.75 -26.23 -0.24
CA GLY B 9 -12.20 -27.35 -1.04
C GLY B 9 -11.02 -26.90 -1.82
N PRO B 10 -10.58 -27.72 -2.77
CA PRO B 10 -9.46 -27.31 -3.71
C PRO B 10 -9.88 -26.15 -4.63
N ASN B 11 -11.22 -25.96 -4.86
CA ASN B 11 -11.71 -24.74 -5.66
C ASN B 11 -11.52 -23.37 -4.98
N ASP B 12 -11.03 -23.37 -3.72
CA ASP B 12 -11.20 -22.24 -2.81
C ASP B 12 -9.86 -21.65 -2.38
N SER B 13 -9.65 -20.36 -2.68
CA SER B 13 -8.43 -19.69 -2.33
C SER B 13 -8.56 -19.25 -0.83
N ARG B 14 -7.54 -19.59 -0.05
CA ARG B 14 -7.51 -19.22 1.34
C ARG B 14 -6.15 -18.66 1.63
N GLY B 15 -6.12 -17.74 2.60
CA GLY B 15 -4.90 -17.08 2.98
C GLY B 15 -4.33 -17.37 4.36
N PRO B 16 -3.44 -16.46 4.84
CA PRO B 16 -2.85 -16.57 6.17
C PRO B 16 -3.69 -15.94 7.29
N CYS B 17 -4.81 -15.36 6.93
CA CYS B 17 -5.65 -14.62 7.88
C CYS B 17 -6.86 -15.46 8.28
N PRO B 18 -6.97 -15.81 9.57
CA PRO B 18 -8.15 -16.57 10.02
C PRO B 18 -9.40 -15.76 9.94
N GLY B 19 -9.28 -14.41 10.10
CA GLY B 19 -10.45 -13.55 10.02
C GLY B 19 -11.13 -13.58 8.68
N LEU B 20 -10.35 -13.41 7.62
CA LEU B 20 -10.93 -13.39 6.29
C LEU B 20 -11.30 -14.86 5.83
N ASN B 21 -10.47 -15.82 6.19
CA ASN B 21 -10.77 -17.24 5.79
C ASN B 21 -12.11 -17.69 6.40
N THR B 22 -12.34 -17.33 7.65
CA THR B 22 -13.61 -17.63 8.29
C THR B 22 -14.78 -16.97 7.62
N LEU B 23 -14.67 -15.71 7.24
CA LEU B 23 -15.72 -14.97 6.55
C LEU B 23 -16.04 -15.72 5.23
N ALA B 24 -15.00 -16.17 4.54
CA ALA B 24 -15.22 -16.87 3.26
C ALA B 24 -15.88 -18.24 3.53
N ASN B 25 -15.47 -18.91 4.59
CA ASN B 25 -16.03 -20.27 4.91
C ASN B 25 -17.49 -20.20 5.30
N HIS B 26 -17.97 -19.03 5.67
CA HIS B 26 -19.40 -18.76 5.93
C HIS B 26 -20.17 -18.00 4.84
N GLY B 27 -19.49 -17.74 3.73
CA GLY B 27 -20.07 -17.00 2.60
C GLY B 27 -20.37 -15.54 2.79
N PHE B 28 -19.80 -14.91 3.86
CA PHE B 28 -19.82 -13.48 3.93
C PHE B 28 -18.88 -12.81 2.87
N LEU B 29 -17.80 -13.48 2.56
CA LEU B 29 -17.03 -13.26 1.35
C LEU B 29 -17.35 -14.46 0.42
N PRO B 30 -17.03 -14.32 -0.85
CA PRO B 30 -17.21 -15.48 -1.76
C PRO B 30 -16.50 -16.69 -1.26
N ARG B 31 -17.19 -17.84 -1.32
CA ARG B 31 -16.60 -19.02 -0.84
C ARG B 31 -15.37 -19.52 -1.55
N ASN B 32 -15.21 -19.13 -2.81
CA ASN B 32 -14.08 -19.51 -3.51
C ASN B 32 -12.84 -18.63 -3.23
N GLY B 33 -13.08 -17.59 -2.42
CA GLY B 33 -11.95 -16.73 -2.02
C GLY B 33 -11.33 -15.81 -3.07
N ARG B 34 -12.06 -15.63 -4.15
CA ARG B 34 -11.64 -14.86 -5.33
CA ARG B 34 -11.60 -14.84 -5.30
C ARG B 34 -12.40 -13.57 -5.54
N ASN B 35 -11.76 -12.65 -6.30
CA ASN B 35 -12.34 -11.44 -6.70
C ASN B 35 -12.87 -10.60 -5.55
N ILE B 36 -12.04 -10.53 -4.52
CA ILE B 36 -12.43 -9.82 -3.27
C ILE B 36 -11.89 -8.39 -3.27
N SER B 37 -12.81 -7.43 -3.19
CA SER B 37 -12.46 -6.01 -3.13
C SER B 37 -12.50 -5.46 -1.69
N VAL B 38 -11.95 -4.26 -1.50
CA VAL B 38 -12.06 -3.66 -0.17
C VAL B 38 -13.56 -3.40 0.25
N PRO B 39 -14.42 -2.88 -0.64
CA PRO B 39 -15.83 -2.77 -0.22
C PRO B 39 -16.42 -4.09 0.21
N MET B 40 -16.05 -5.18 -0.45
CA MET B 40 -16.52 -6.49 -0.02
C MET B 40 -16.06 -6.88 1.37
N ILE B 41 -14.77 -6.61 1.63
CA ILE B 41 -14.23 -6.86 2.99
C ILE B 41 -14.93 -6.04 4.03
N VAL B 42 -15.12 -4.74 3.76
CA VAL B 42 -15.82 -3.88 4.66
C VAL B 42 -17.18 -4.45 5.03
N LYS B 43 -17.97 -4.83 4.05
CA LYS B 43 -19.31 -5.36 4.33
C LYS B 43 -19.27 -6.68 5.02
N ALA B 44 -18.39 -7.58 4.62
CA ALA B 44 -18.25 -8.84 5.25
C ALA B 44 -17.84 -8.76 6.72
N GLY B 45 -16.85 -7.93 7.04
CA GLY B 45 -16.43 -7.77 8.41
C GLY B 45 -17.49 -7.14 9.29
N PHE B 46 -18.29 -6.25 8.72
CA PHE B 46 -19.38 -5.66 9.50
C PHE B 46 -20.45 -6.75 9.76
N GLU B 47 -20.84 -7.45 8.68
CA GLU B 47 -21.88 -8.46 8.83
C GLU B 47 -21.51 -9.62 9.71
N GLY B 48 -20.28 -10.14 9.55
CA GLY B 48 -19.85 -11.27 10.28
C GLY B 48 -19.50 -10.99 11.76
N TYR B 49 -18.76 -9.88 11.97
CA TYR B 49 -18.05 -9.65 13.23
C TYR B 49 -18.40 -8.31 13.93
N ASN B 50 -19.10 -7.42 13.26
CA ASN B 50 -19.31 -6.04 13.74
C ASN B 50 -18.02 -5.23 13.79
N VAL B 51 -17.10 -5.54 12.88
CA VAL B 51 -15.90 -4.71 12.71
C VAL B 51 -16.21 -3.65 11.71
N GLN B 52 -15.86 -2.43 12.08
CA GLN B 52 -16.20 -1.27 11.36
C GLN B 52 -15.22 -0.88 10.24
N SER B 53 -15.64 0.06 9.40
CA SER B 53 -14.98 0.27 8.13
C SER B 53 -13.59 0.88 8.33
N ASP B 54 -13.37 1.63 9.40
CA ASP B 54 -12.10 2.29 9.59
C ASP B 54 -10.90 1.34 9.50
N ILE B 55 -10.91 0.30 10.31
CA ILE B 55 -9.80 -0.62 10.27
C ILE B 55 -9.76 -1.44 8.97
N LEU B 56 -10.93 -1.76 8.44
CA LEU B 56 -10.98 -2.67 7.31
C LEU B 56 -10.55 -1.97 6.01
N ILE B 57 -10.84 -0.69 5.91
CA ILE B 57 -10.32 0.13 4.75
C ILE B 57 -8.79 0.25 4.85
N LEU B 58 -8.26 0.53 6.04
CA LEU B 58 -6.84 0.72 6.23
C LEU B 58 -6.09 -0.58 5.88
N ALA B 59 -6.50 -1.70 6.45
CA ALA B 59 -5.80 -2.95 6.22
C ALA B 59 -6.11 -3.49 4.83
N GLY B 60 -7.34 -3.32 4.40
CA GLY B 60 -7.77 -3.79 3.11
C GLY B 60 -7.00 -3.22 1.96
N LYS B 61 -6.79 -1.89 1.96
CA LYS B 61 -6.06 -1.30 0.87
C LYS B 61 -4.59 -1.73 0.87
N ILE B 62 -4.00 -1.99 2.01
CA ILE B 62 -2.62 -2.54 2.08
C ILE B 62 -2.63 -3.96 1.48
N GLY B 63 -3.63 -4.74 1.89
CA GLY B 63 -3.82 -6.08 1.28
C GLY B 63 -3.93 -6.14 -0.23
N MET B 64 -4.58 -5.15 -0.83
CA MET B 64 -4.77 -5.07 -2.27
C MET B 64 -3.42 -5.02 -2.96
N LEU B 65 -2.37 -4.52 -2.29
CA LEU B 65 -1.04 -4.48 -2.91
C LEU B 65 -0.53 -5.88 -3.37
N THR B 66 -0.99 -6.94 -2.72
CA THR B 66 -0.45 -8.28 -2.89
C THR B 66 -0.88 -8.98 -4.20
N SER B 67 -1.87 -8.43 -4.88
CA SER B 67 -2.33 -9.00 -6.18
C SER B 67 -1.78 -8.17 -7.36
N ARG B 68 -1.97 -8.73 -8.57
CA ARG B 68 -1.82 -8.00 -9.84
C ARG B 68 -3.03 -7.32 -10.44
N GLU B 69 -4.20 -7.42 -9.79
CA GLU B 69 -5.45 -6.89 -10.26
C GLU B 69 -5.67 -5.49 -9.77
N ALA B 70 -6.53 -4.77 -10.50
CA ALA B 70 -6.75 -3.37 -10.24
C ALA B 70 -7.34 -3.05 -8.88
N ASP B 71 -8.31 -3.86 -8.44
CA ASP B 71 -9.04 -3.55 -7.20
C ASP B 71 -9.53 -4.77 -6.41
N THR B 72 -8.98 -5.93 -6.67
CA THR B 72 -9.37 -7.15 -5.97
C THR B 72 -8.12 -8.00 -5.69
N ILE B 73 -8.31 -8.96 -4.81
CA ILE B 73 -7.34 -9.99 -4.50
C ILE B 73 -8.04 -11.37 -4.50
N SER B 74 -7.19 -12.40 -4.53
CA SER B 74 -7.52 -13.73 -4.04
C SER B 74 -7.00 -13.79 -2.58
N LEU B 75 -7.67 -14.51 -1.71
CA LEU B 75 -7.22 -14.56 -0.34
C LEU B 75 -5.78 -15.06 -0.21
N GLU B 76 -5.39 -16.09 -1.00
CA GLU B 76 -4.05 -16.62 -0.90
C GLU B 76 -2.98 -15.56 -1.25
N ASP B 77 -3.33 -14.54 -2.07
CA ASP B 77 -2.35 -13.50 -2.40
C ASP B 77 -1.76 -12.82 -1.15
N LEU B 78 -2.57 -12.81 -0.09
CA LEU B 78 -2.17 -12.17 1.18
C LEU B 78 -1.00 -12.83 1.91
N LYS B 79 -0.61 -14.04 1.45
CA LYS B 79 0.58 -14.62 1.96
C LYS B 79 1.92 -13.91 1.60
N LEU B 80 1.85 -12.90 0.74
CA LEU B 80 3.04 -12.28 0.24
C LEU B 80 3.86 -11.75 1.38
N HIS B 81 5.05 -12.27 1.53
CA HIS B 81 5.82 -11.99 2.72
C HIS B 81 6.32 -10.52 2.72
N GLY B 82 6.08 -9.81 3.79
CA GLY B 82 6.56 -8.47 3.90
C GLY B 82 5.65 -7.35 3.46
N THR B 83 4.45 -7.65 3.02
CA THR B 83 3.44 -6.65 2.86
C THR B 83 2.70 -6.58 4.21
N ILE B 84 1.80 -7.51 4.47
CA ILE B 84 1.28 -7.67 5.82
C ILE B 84 1.86 -8.92 6.49
N GLU B 85 1.93 -9.99 5.74
CA GLU B 85 2.35 -11.26 6.29
C GLU B 85 3.72 -11.11 6.89
N HIS B 86 3.89 -11.60 8.08
CA HIS B 86 5.07 -11.44 8.86
C HIS B 86 5.54 -12.74 9.65
N ASP B 87 6.78 -12.68 10.11
CA ASP B 87 7.35 -13.73 10.97
C ASP B 87 6.69 -13.66 12.38
N ALA B 88 6.86 -14.72 13.17
CA ALA B 88 6.28 -14.75 14.53
C ALA B 88 4.78 -14.60 14.49
N SER B 89 4.17 -15.32 13.59
CA SER B 89 2.72 -15.50 13.55
C SER B 89 2.29 -16.46 14.69
N LEU B 90 1.03 -16.39 15.04
CA LEU B 90 0.48 -17.19 16.10
C LEU B 90 0.15 -18.61 15.67
N SER B 91 0.03 -18.85 14.36
CA SER B 91 -0.48 -20.16 13.91
C SER B 91 0.14 -20.64 12.62
N ARG B 92 1.02 -19.83 12.08
CA ARG B 92 1.74 -20.14 10.82
C ARG B 92 3.21 -20.10 11.09
N GLU B 93 3.97 -20.84 10.24
CA GLU B 93 5.47 -20.79 10.35
C GLU B 93 6.04 -19.56 9.57
N ASP B 94 7.24 -19.18 9.91
CA ASP B 94 7.96 -18.15 9.22
C ASP B 94 8.32 -18.65 7.80
N VAL B 95 8.16 -17.77 6.81
CA VAL B 95 8.36 -18.17 5.39
C VAL B 95 9.80 -18.71 5.14
N ALA B 96 10.80 -18.20 5.84
CA ALA B 96 12.22 -18.62 5.58
C ALA B 96 12.43 -20.09 5.99
N ILE B 97 11.62 -20.59 6.91
CA ILE B 97 11.81 -21.92 7.49
C ILE B 97 10.59 -22.82 7.46
N GLY B 98 9.54 -22.46 6.71
CA GLY B 98 8.27 -23.21 6.62
C GLY B 98 7.18 -22.55 5.85
N ASP B 99 5.98 -23.01 6.10
CA ASP B 99 4.79 -22.69 5.37
C ASP B 99 4.16 -21.48 6.15
N ASN B 100 4.15 -20.33 5.46
CA ASN B 100 3.58 -19.08 6.07
C ASN B 100 2.12 -18.90 5.73
N LEU B 101 1.44 -19.92 5.14
CA LEU B 101 0.12 -19.83 4.66
C LEU B 101 -0.94 -20.58 5.51
N HIS B 102 -0.67 -21.87 5.80
CA HIS B 102 -1.62 -22.71 6.44
C HIS B 102 -1.52 -22.77 7.98
N PHE B 103 -2.67 -23.06 8.59
CA PHE B 103 -2.68 -23.33 9.98
C PHE B 103 -1.74 -24.46 10.31
N ASN B 104 -0.99 -24.28 11.36
CA ASN B 104 0.02 -25.22 11.84
C ASN B 104 -0.14 -25.49 13.35
N GLU B 105 -0.53 -26.73 13.65
CA GLU B 105 -0.74 -27.05 15.07
C GLU B 105 0.48 -26.99 15.93
N ALA B 106 1.68 -27.29 15.45
CA ALA B 106 2.87 -27.19 16.24
C ALA B 106 3.15 -25.76 16.66
N ILE B 107 2.96 -24.85 15.73
CA ILE B 107 3.13 -23.43 16.10
C ILE B 107 2.06 -22.97 17.09
N PHE B 108 0.85 -23.39 16.81
CA PHE B 108 -0.37 -22.96 17.56
C PHE B 108 -0.28 -23.45 18.99
N THR B 109 0.47 -24.54 19.26
CA THR B 109 0.55 -25.01 20.67
C THR B 109 0.95 -23.96 21.72
N THR B 110 1.77 -22.96 21.38
CA THR B 110 2.10 -21.88 22.29
C THR B 110 0.84 -21.12 22.70
N LEU B 111 0.05 -20.65 21.73
CA LEU B 111 -1.24 -19.99 22.08
C LEU B 111 -2.15 -20.97 22.85
N ALA B 112 -2.23 -22.21 22.40
CA ALA B 112 -3.21 -23.11 23.04
C ALA B 112 -2.86 -23.42 24.49
N ASN B 113 -1.60 -23.39 24.85
CA ASN B 113 -1.09 -23.69 26.21
C ASN B 113 -1.05 -22.42 27.10
N SER B 114 -1.42 -21.27 26.53
CA SER B 114 -1.24 -19.99 27.25
C SER B 114 -2.40 -19.79 28.30
N ASN B 115 -2.18 -18.78 29.17
CA ASN B 115 -3.11 -18.44 30.27
C ASN B 115 -3.52 -19.74 31.05
N PRO B 116 -2.51 -20.43 31.52
CA PRO B 116 -2.86 -21.76 32.16
C PRO B 116 -3.77 -21.57 33.39
N GLY B 117 -4.76 -22.44 33.52
CA GLY B 117 -5.69 -22.43 34.66
C GLY B 117 -6.92 -21.60 34.36
N ALA B 118 -6.86 -20.72 33.38
CA ALA B 118 -8.04 -19.93 33.00
C ALA B 118 -8.83 -20.46 31.85
N ASP B 119 -10.07 -20.02 31.62
CA ASP B 119 -10.86 -20.47 30.48
C ASP B 119 -10.97 -19.45 29.34
N VAL B 120 -10.18 -18.40 29.49
CA VAL B 120 -10.07 -17.30 28.46
C VAL B 120 -8.62 -17.05 28.19
N TYR B 121 -8.38 -16.55 26.97
CA TYR B 121 -7.21 -15.84 26.63
C TYR B 121 -7.50 -14.33 26.92
N ASN B 122 -6.49 -13.61 27.35
CA ASN B 122 -6.69 -12.20 27.63
C ASN B 122 -5.48 -11.35 27.26
N ILE B 123 -5.50 -10.07 27.64
CA ILE B 123 -4.38 -9.20 27.19
C ILE B 123 -3.02 -9.64 27.69
N SER B 124 -2.96 -10.06 28.97
CA SER B 124 -1.65 -10.44 29.47
CA SER B 124 -1.73 -10.55 29.61
C SER B 124 -1.18 -11.76 28.86
N SER B 125 -2.09 -12.71 28.62
CA SER B 125 -1.66 -13.95 27.97
C SER B 125 -1.26 -13.75 26.53
N ALA B 126 -2.02 -12.92 25.80
CA ALA B 126 -1.67 -12.52 24.43
C ALA B 126 -0.32 -11.88 24.36
N ALA B 127 0.05 -11.04 25.32
CA ALA B 127 1.34 -10.46 25.30
C ALA B 127 2.46 -11.51 25.51
N GLN B 128 2.23 -12.45 26.45
CA GLN B 128 3.23 -13.48 26.69
CA GLN B 128 3.16 -13.60 26.73
C GLN B 128 3.39 -14.40 25.48
N VAL B 129 2.29 -14.69 24.81
CA VAL B 129 2.37 -15.47 23.58
C VAL B 129 3.19 -14.74 22.50
N GLN B 130 2.95 -13.41 22.35
CA GLN B 130 3.73 -12.71 21.39
C GLN B 130 5.22 -12.76 21.72
N HIS B 131 5.56 -12.54 22.98
CA HIS B 131 6.97 -12.58 23.44
C HIS B 131 7.57 -13.96 23.08
N ASP B 132 6.84 -15.00 23.40
CA ASP B 132 7.35 -16.35 23.16
C ASP B 132 7.44 -16.71 21.70
N ARG B 133 6.48 -16.30 20.88
CA ARG B 133 6.53 -16.55 19.43
C ARG B 133 7.71 -15.77 18.81
N LEU B 134 7.89 -14.51 19.19
CA LEU B 134 9.02 -13.79 18.69
C LEU B 134 10.37 -14.47 19.12
N ALA B 135 10.48 -14.87 20.39
CA ALA B 135 11.71 -15.55 20.90
C ALA B 135 12.02 -16.79 20.07
N ASP B 136 10.99 -17.56 19.74
CA ASP B 136 11.11 -18.77 18.88
C ASP B 136 11.63 -18.42 17.49
N SER B 137 11.06 -17.39 16.85
CA SER B 137 11.60 -16.95 15.54
C SER B 137 13.03 -16.43 15.67
N LEU B 138 13.37 -15.74 16.74
CA LEU B 138 14.70 -15.23 16.90
C LEU B 138 15.70 -16.39 17.02
N ALA B 139 15.33 -17.43 17.73
CA ALA B 139 16.16 -18.58 17.95
C ALA B 139 16.35 -19.41 16.67
N ARG B 140 15.31 -19.61 15.88
CA ARG B 140 15.30 -20.60 14.82
C ARG B 140 15.32 -20.02 13.42
N ASN B 141 15.06 -18.74 13.29
CA ASN B 141 14.98 -18.18 11.94
C ASN B 141 16.07 -17.11 11.76
N PRO B 142 17.14 -17.49 11.04
CA PRO B 142 18.19 -16.48 10.82
C PRO B 142 17.73 -15.27 9.99
N ASN B 143 16.65 -15.38 9.22
CA ASN B 143 16.23 -14.29 8.37
C ASN B 143 15.04 -13.53 9.00
N VAL B 144 14.84 -13.66 10.30
CA VAL B 144 13.65 -13.07 10.95
C VAL B 144 13.62 -11.53 10.67
N THR B 145 12.43 -11.01 10.43
CA THR B 145 12.19 -9.55 10.42
C THR B 145 11.28 -9.21 11.58
N ASN B 146 11.74 -8.30 12.40
CA ASN B 146 11.04 -7.84 13.61
C ASN B 146 11.25 -6.35 13.80
N THR B 147 10.24 -5.59 13.43
CA THR B 147 10.31 -4.11 13.40
C THR B 147 9.17 -3.49 14.14
N ASP B 148 9.21 -2.18 14.36
CA ASP B 148 8.08 -1.48 14.97
C ASP B 148 6.75 -1.83 14.23
N LEU B 149 6.84 -1.92 12.92
CA LEU B 149 5.67 -2.15 12.10
C LEU B 149 5.15 -3.60 12.32
N THR B 150 6.04 -4.57 12.20
CA THR B 150 5.57 -6.01 12.37
C THR B 150 5.04 -6.20 13.79
N ALA B 151 5.68 -5.59 14.79
CA ALA B 151 5.21 -5.71 16.16
C ALA B 151 3.82 -5.10 16.30
N THR B 152 3.56 -3.96 15.67
CA THR B 152 2.25 -3.34 15.74
C THR B 152 1.18 -4.19 15.09
N ILE B 153 1.53 -4.72 13.92
CA ILE B 153 0.61 -5.58 13.21
C ILE B 153 0.28 -6.84 14.09
N ARG B 154 1.29 -7.38 14.70
CA ARG B 154 1.09 -8.60 15.54
C ARG B 154 0.14 -8.32 16.71
N SER B 155 0.40 -7.20 17.43
CA SER B 155 -0.53 -6.83 18.51
C SER B 155 -1.93 -6.54 17.99
N SER B 156 -2.03 -5.93 16.80
CA SER B 156 -3.34 -5.68 16.19
C SER B 156 -4.09 -6.97 15.98
N GLU B 157 -3.37 -7.99 15.48
CA GLU B 157 -3.97 -9.27 15.17
C GLU B 157 -4.41 -9.95 16.48
N SER B 158 -3.59 -9.90 17.52
CA SER B 158 -4.05 -10.42 18.83
C SER B 158 -5.30 -9.71 19.33
N ALA B 159 -5.28 -8.35 19.23
CA ALA B 159 -6.52 -7.61 19.55
C ALA B 159 -7.73 -8.01 18.76
N PHE B 160 -7.55 -8.27 17.46
N PHE B 160 -7.55 -8.26 17.45
CA PHE B 160 -8.63 -8.73 16.63
CA PHE B 160 -8.64 -8.76 16.62
C PHE B 160 -9.22 -10.05 17.10
C PHE B 160 -9.22 -10.03 17.22
N PHE B 161 -8.41 -11.06 17.43
CA PHE B 161 -9.02 -12.34 17.91
C PHE B 161 -9.68 -12.13 19.27
N LEU B 162 -9.11 -11.32 20.14
CA LEU B 162 -9.69 -11.11 21.47
C LEU B 162 -11.01 -10.43 21.44
N THR B 163 -11.17 -9.49 20.51
CA THR B 163 -12.42 -8.73 20.45
C THR B 163 -13.47 -9.46 19.61
N VAL B 164 -13.10 -9.95 18.45
CA VAL B 164 -14.13 -10.57 17.59
C VAL B 164 -14.67 -11.89 18.18
N MET B 165 -13.81 -12.62 18.82
CA MET B 165 -14.20 -13.91 19.49
C MET B 165 -14.62 -13.75 20.96
N SER B 166 -14.87 -12.52 21.42
CA SER B 166 -15.29 -12.32 22.79
C SER B 166 -16.68 -12.90 23.09
N ALA B 167 -16.95 -12.98 24.39
CA ALA B 167 -18.27 -13.45 24.94
C ALA B 167 -19.12 -12.32 25.46
N GLY B 168 -19.29 -11.26 24.73
CA GLY B 168 -20.28 -10.29 25.10
C GLY B 168 -19.80 -8.87 25.17
N ASP B 169 -18.55 -8.66 25.56
CA ASP B 169 -18.08 -7.27 25.68
C ASP B 169 -16.68 -7.14 25.16
N PRO B 170 -16.54 -6.70 23.87
CA PRO B 170 -15.19 -6.74 23.34
C PRO B 170 -14.23 -5.80 24.06
N LEU B 171 -14.75 -4.83 24.77
CA LEU B 171 -13.83 -3.93 25.51
C LEU B 171 -12.99 -4.64 26.53
N ARG B 172 -13.42 -5.79 27.02
CA ARG B 172 -12.73 -6.49 28.12
C ARG B 172 -11.36 -7.00 27.62
N GLY B 173 -11.22 -7.20 26.32
CA GLY B 173 -9.97 -7.73 25.80
C GLY B 173 -9.72 -9.17 26.23
N GLU B 174 -10.77 -9.96 26.24
CA GLU B 174 -10.61 -11.38 26.62
C GLU B 174 -11.62 -12.18 25.81
N ALA B 175 -11.30 -13.46 25.52
CA ALA B 175 -12.16 -14.32 24.73
C ALA B 175 -12.03 -15.76 25.18
N PRO B 176 -13.17 -16.45 25.27
CA PRO B 176 -13.06 -17.85 25.66
C PRO B 176 -12.12 -18.65 24.77
N LYS B 177 -11.31 -19.47 25.41
CA LYS B 177 -10.36 -20.38 24.70
C LYS B 177 -11.10 -21.26 23.78
N LYS B 178 -12.27 -21.76 24.19
CA LYS B 178 -13.02 -22.62 23.27
C LYS B 178 -13.45 -22.00 21.94
N PHE B 179 -13.72 -20.69 21.95
CA PHE B 179 -14.09 -19.96 20.75
C PHE B 179 -12.82 -19.72 19.93
N VAL B 180 -11.76 -19.23 20.59
CA VAL B 180 -10.59 -18.81 19.86
C VAL B 180 -9.97 -20.04 19.14
N ASN B 181 -10.04 -21.15 19.83
CA ASN B 181 -9.37 -22.37 19.30
C ASN B 181 -10.10 -22.88 18.09
N VAL B 182 -11.45 -22.75 18.03
CA VAL B 182 -12.21 -23.14 16.85
C VAL B 182 -11.89 -22.19 15.72
N PHE B 183 -11.84 -20.89 16.04
CA PHE B 183 -11.58 -19.89 15.04
C PHE B 183 -10.29 -20.17 14.31
N PHE B 184 -9.18 -20.41 15.01
CA PHE B 184 -7.86 -20.72 14.39
C PHE B 184 -7.87 -22.12 13.73
N ARG B 185 -8.26 -23.15 14.46
CA ARG B 185 -8.12 -24.51 13.93
C ARG B 185 -9.05 -24.78 12.77
N GLU B 186 -10.28 -24.28 12.77
CA GLU B 186 -11.29 -24.56 11.80
C GLU B 186 -11.65 -23.44 10.87
N GLU B 187 -11.35 -22.19 11.27
CA GLU B 187 -11.76 -21.03 10.50
C GLU B 187 -13.28 -21.08 10.33
N ARG B 188 -13.90 -21.20 11.52
CA ARG B 188 -15.33 -21.28 11.67
C ARG B 188 -15.74 -20.36 12.85
N MET B 189 -16.87 -19.75 12.70
CA MET B 189 -17.53 -19.03 13.81
C MET B 189 -18.09 -20.07 14.75
N PRO B 190 -17.70 -20.00 16.00
CA PRO B 190 -18.07 -21.09 17.00
C PRO B 190 -19.45 -20.95 17.57
N ILE B 191 -20.40 -21.03 16.67
CA ILE B 191 -21.81 -20.72 17.00
C ILE B 191 -22.37 -21.87 17.90
N LYS B 192 -22.17 -23.10 17.48
CA LYS B 192 -22.70 -24.22 18.35
C LYS B 192 -22.08 -24.15 19.75
N GLU B 193 -20.84 -23.66 19.84
CA GLU B 193 -20.12 -23.56 21.09
C GLU B 193 -20.60 -22.42 21.98
N GLY B 194 -21.38 -21.53 21.40
CA GLY B 194 -22.01 -20.43 22.11
C GLY B 194 -21.62 -19.01 21.74
N TRP B 195 -20.77 -18.88 20.74
CA TRP B 195 -20.38 -17.52 20.28
C TRP B 195 -21.47 -16.82 19.53
N LYS B 196 -21.56 -15.50 19.73
CA LYS B 196 -22.40 -14.62 18.96
C LYS B 196 -21.62 -13.37 18.51
N ARG B 197 -21.96 -12.84 17.37
CA ARG B 197 -21.43 -11.60 16.82
C ARG B 197 -21.51 -10.54 17.86
N SER B 198 -20.44 -9.78 18.01
CA SER B 198 -20.45 -8.70 18.96
C SER B 198 -21.59 -7.71 18.70
N THR B 199 -22.23 -7.25 19.76
CA THR B 199 -23.24 -6.19 19.64
C THR B 199 -22.61 -4.78 19.86
N THR B 200 -21.30 -4.73 20.10
CA THR B 200 -20.58 -3.46 20.16
C THR B 200 -19.73 -3.34 18.91
N PRO B 201 -19.79 -2.23 18.25
CA PRO B 201 -18.92 -2.07 17.06
C PRO B 201 -17.43 -2.09 17.45
N ILE B 202 -16.65 -2.81 16.68
CA ILE B 202 -15.21 -2.93 16.89
C ILE B 202 -14.50 -1.96 15.92
N THR B 203 -13.84 -0.93 16.49
CA THR B 203 -13.37 0.21 15.75
C THR B 203 -11.89 0.41 16.11
N ILE B 204 -11.31 1.39 15.42
CA ILE B 204 -9.92 1.76 15.73
C ILE B 204 -9.80 2.28 17.13
N PRO B 205 -10.66 3.21 17.60
CA PRO B 205 -10.55 3.63 18.95
C PRO B 205 -10.75 2.54 19.98
N LEU B 206 -11.62 1.55 19.71
CA LEU B 206 -11.82 0.47 20.68
C LEU B 206 -10.55 -0.43 20.77
N LEU B 207 -9.96 -0.67 19.61
CA LEU B 207 -8.83 -1.55 19.54
C LEU B 207 -7.55 -0.94 20.06
N GLY B 208 -7.39 0.35 19.83
CA GLY B 208 -6.10 0.99 20.08
C GLY B 208 -5.50 0.77 21.46
N PRO B 209 -6.24 1.01 22.50
CA PRO B 209 -5.71 0.81 23.86
C PRO B 209 -5.38 -0.67 24.15
N ILE B 210 -6.14 -1.58 23.55
CA ILE B 210 -5.84 -3.02 23.72
C ILE B 210 -4.54 -3.39 23.04
N ILE B 211 -4.35 -2.89 21.83
CA ILE B 211 -3.11 -3.08 21.09
C ILE B 211 -1.91 -2.58 21.89
N GLU B 212 -2.03 -1.34 22.40
CA GLU B 212 -0.91 -0.72 23.14
C GLU B 212 -0.58 -1.46 24.40
N ARG B 213 -1.62 -1.95 25.12
CA ARG B 213 -1.41 -2.71 26.33
C ARG B 213 -0.73 -4.05 26.05
N ILE B 214 -1.14 -4.75 24.99
CA ILE B 214 -0.50 -6.00 24.60
C ILE B 214 0.98 -5.75 24.32
N THR B 215 1.27 -4.70 23.53
CA THR B 215 2.63 -4.37 23.25
C THR B 215 3.45 -4.13 24.53
N GLU B 216 2.90 -3.30 25.42
CA GLU B 216 3.62 -2.91 26.61
C GLU B 216 3.96 -4.09 27.50
N LEU B 217 3.08 -5.06 27.56
CA LEU B 217 3.22 -6.23 28.41
C LEU B 217 4.14 -7.33 27.79
N SER B 218 4.48 -7.19 26.51
CA SER B 218 5.17 -8.24 25.75
C SER B 218 6.73 -8.21 25.83
N ASP B 219 7.26 -7.20 26.52
CA ASP B 219 8.72 -7.02 26.69
C ASP B 219 9.40 -7.06 25.33
N TRP B 220 8.90 -6.23 24.43
CA TRP B 220 9.38 -6.21 23.06
C TRP B 220 10.60 -5.30 22.88
N LYS B 221 11.41 -5.71 21.94
CA LYS B 221 12.51 -4.91 21.41
CA LYS B 221 12.54 -4.95 21.43
C LYS B 221 12.67 -5.24 19.92
N PRO B 222 13.09 -4.24 19.12
CA PRO B 222 13.30 -4.45 17.69
C PRO B 222 14.60 -5.28 17.38
N THR B 223 14.66 -5.82 16.16
CA THR B 223 15.81 -6.59 15.66
C THR B 223 16.37 -5.93 14.44
N GLY B 224 17.69 -6.02 14.30
CA GLY B 224 18.31 -5.63 13.03
C GLY B 224 18.17 -4.16 12.81
N ASP B 225 17.92 -3.73 11.56
CA ASP B 225 17.77 -2.29 11.19
C ASP B 225 16.52 -1.61 11.70
N ASN B 226 15.54 -2.41 12.07
CA ASN B 226 14.24 -1.88 12.49
C ASN B 226 13.66 -0.99 11.36
N CYS B 227 13.72 -1.46 10.12
CA CYS B 227 13.24 -0.68 8.98
C CYS B 227 11.79 -1.11 8.63
N GLY B 228 10.85 -0.19 8.68
CA GLY B 228 9.43 -0.54 8.42
C GLY B 228 9.03 -0.60 6.97
N ALA B 229 9.92 -1.05 6.07
CA ALA B 229 9.67 -1.10 4.62
C ALA B 229 8.73 -2.26 4.29
N ILE B 230 7.70 -2.03 3.52
CA ILE B 230 6.87 -3.11 3.05
C ILE B 230 7.12 -3.41 1.60
N VAL B 231 6.73 -4.61 1.24
CA VAL B 231 6.68 -5.03 -0.13
C VAL B 231 5.42 -4.44 -0.77
N LEU B 232 5.60 -3.72 -1.89
CA LEU B 232 4.52 -2.95 -2.50
C LEU B 232 3.78 -3.57 -3.66
N SER B 233 4.21 -4.73 -4.13
CA SER B 233 3.54 -5.48 -5.15
C SER B 233 4.17 -6.85 -5.26
N PRO B 234 3.51 -7.79 -5.94
CA PRO B 234 4.09 -9.15 -6.22
C PRO B 234 5.24 -9.14 -7.28
C1 NAG C . 21.22 13.82 -24.96
C2 NAG C . 22.24 12.71 -25.49
C3 NAG C . 23.66 13.23 -25.42
C4 NAG C . 23.72 14.46 -26.29
C5 NAG C . 22.68 15.49 -25.77
C6 NAG C . 22.68 16.83 -26.53
C7 NAG C . 21.49 10.43 -25.00
C8 NAG C . 21.41 9.37 -23.92
N2 NAG C . 22.12 11.54 -24.63
O3 NAG C . 24.53 12.21 -25.99
O4 NAG C . 25.00 15.02 -26.06
O5 NAG C . 21.36 14.97 -25.75
O6 NAG C . 22.26 16.55 -27.83
O7 NAG C . 21.03 10.27 -26.13
C1 NAG C . 25.68 15.35 -27.27
C2 NAG C . 26.92 16.15 -26.96
C3 NAG C . 27.73 16.53 -28.21
C4 NAG C . 27.98 15.31 -29.01
C5 NAG C . 26.74 14.45 -29.17
C6 NAG C . 27.12 13.08 -29.75
C7 NAG C . 26.97 17.37 -24.89
C8 NAG C . 26.75 18.63 -24.15
N2 NAG C . 26.65 17.35 -26.19
O3 NAG C . 28.98 17.01 -27.73
O4 NAG C . 28.41 15.70 -30.33
O5 NAG C . 26.04 14.18 -27.94
O6 NAG C . 26.09 12.90 -30.64
O7 NAG C . 27.43 16.39 -24.28
C1 BMA C . 29.81 15.41 -30.47
C2 BMA C . 30.05 15.41 -31.96
C3 BMA C . 31.56 15.26 -32.20
C4 BMA C . 32.38 16.21 -31.31
C5 BMA C . 31.97 16.10 -29.85
C6 BMA C . 32.65 17.20 -29.04
O2 BMA C . 29.60 16.70 -32.33
O3 BMA C . 31.86 15.68 -33.51
O4 BMA C . 33.78 16.00 -31.44
O5 BMA C . 30.57 16.38 -29.81
O6 BMA C . 32.17 18.45 -29.52
C1 MAN C . 31.99 14.58 -34.43
C2 MAN C . 32.69 15.09 -35.73
C3 MAN C . 31.72 15.94 -36.53
C4 MAN C . 30.43 15.20 -36.87
C5 MAN C . 29.81 14.72 -35.54
C6 MAN C . 28.54 13.91 -35.81
O2 MAN C . 33.03 13.94 -36.49
O3 MAN C . 32.29 16.41 -37.74
O4 MAN C . 29.57 16.21 -37.32
O5 MAN C . 30.74 14.01 -34.71
O6 MAN C . 28.08 13.53 -34.52
C1 MAN C . 32.71 19.65 -28.90
C2 MAN C . 32.20 20.87 -29.70
C3 MAN C . 32.81 20.90 -31.10
C4 MAN C . 34.34 20.81 -31.02
C5 MAN C . 34.81 19.64 -30.13
C6 MAN C . 36.32 19.69 -29.85
O2 MAN C . 32.48 22.09 -29.04
O3 MAN C . 32.34 22.00 -31.84
O4 MAN C . 34.86 20.66 -32.32
O5 MAN C . 34.14 19.62 -28.85
O6 MAN C . 36.79 18.48 -29.29
C1 NAG D . -5.51 -12.87 32.44
C2 NAG D . -5.57 -11.66 33.46
C3 NAG D . -4.66 -12.00 34.66
C4 NAG D . -5.08 -13.34 35.27
C5 NAG D . -4.97 -14.34 34.13
C6 NAG D . -5.39 -15.72 34.71
C7 NAG D . -5.99 -9.52 32.45
C8 NAG D . -5.44 -8.31 31.73
N2 NAG D . -5.14 -10.44 32.79
O3 NAG D . -4.78 -10.93 35.63
O4 NAG D . -4.05 -13.63 36.25
O5 NAG D . -5.95 -14.07 33.20
O6 NAG D . -6.73 -15.74 35.17
O7 NAG D . -7.21 -9.60 32.69
C1 NAG D . -4.59 -14.03 37.56
C2 NAG D . -3.46 -14.52 38.48
C3 NAG D . -3.96 -14.97 39.84
C4 NAG D . -4.93 -13.92 40.38
C5 NAG D . -6.02 -13.51 39.39
C6 NAG D . -6.77 -12.28 39.95
C7 NAG D . -1.67 -15.27 37.04
C8 NAG D . -1.07 -16.46 36.38
N2 NAG D . -2.74 -15.56 37.77
O3 NAG D . -2.77 -15.05 40.61
O4 NAG D . -5.62 -14.50 41.50
O5 NAG D . -5.33 -13.05 38.24
O6 NAG D . -7.98 -12.07 39.23
O7 NAG D . -1.16 -14.13 36.95
C1 BMA D . -5.08 -14.29 42.79
C2 BMA D . -6.19 -14.41 43.82
C3 BMA D . -5.65 -14.10 45.21
C4 BMA D . -4.47 -15.01 45.50
C5 BMA D . -3.49 -14.96 44.33
C6 BMA D . -2.33 -15.94 44.54
O2 BMA D . -6.80 -15.72 43.81
O3 BMA D . -6.60 -14.38 46.20
O4 BMA D . -3.81 -14.46 46.59
O5 BMA D . -4.09 -15.27 43.08
O6 BMA D . -1.44 -15.67 43.47
C1 MAN D . -0.25 -16.49 43.65
C2 MAN D . 0.83 -16.04 42.65
C3 MAN D . 0.51 -16.45 41.22
C4 MAN D . 0.22 -17.97 41.18
C5 MAN D . -0.84 -18.38 42.28
C6 MAN D . -1.17 -19.85 42.49
O2 MAN D . 2.09 -16.59 43.01
O3 MAN D . 1.59 -15.99 40.40
O4 MAN D . -0.23 -18.37 39.89
O5 MAN D . -0.50 -17.89 43.57
O6 MAN D . -0.05 -20.68 42.81
C1 MAN D . 0.24 -21.46 41.62
C2 MAN D . -0.64 -22.72 41.55
C3 MAN D . -0.05 -23.71 40.56
C4 MAN D . 0.61 -22.90 39.45
C5 MAN D . 1.83 -22.20 40.05
C6 MAN D . 2.17 -20.97 39.21
O2 MAN D . -1.89 -22.33 41.03
O3 MAN D . -1.03 -24.57 40.02
O4 MAN D . 1.02 -23.74 38.42
O5 MAN D . 1.59 -21.86 41.42
O6 MAN D . 3.55 -20.95 38.96
C1 MAN D . -7.23 -13.23 46.70
C2 MAN D . -7.78 -13.60 48.11
C3 MAN D . -8.99 -14.52 47.99
C4 MAN D . -9.98 -13.98 46.95
C5 MAN D . -9.29 -13.71 45.60
C6 MAN D . -10.26 -13.13 44.56
O2 MAN D . -8.14 -12.46 48.89
O3 MAN D . -9.63 -14.58 49.25
O4 MAN D . -11.04 -14.87 46.77
O5 MAN D . -8.23 -12.79 45.81
O6 MAN D . -9.56 -12.67 43.43
CHA HEM E . 4.72 12.62 -9.84
CHB HEM E . 3.97 11.53 -14.43
CHC HEM E . 0.64 8.30 -13.05
CHD HEM E . 1.26 9.61 -8.46
C1A HEM E . 4.88 12.54 -11.21
C2A HEM E . 5.91 13.19 -11.93
C3A HEM E . 5.69 12.89 -13.27
C4A HEM E . 4.58 12.05 -13.31
CMA HEM E . 6.47 13.31 -14.46
CAA HEM E . 7.02 14.03 -11.41
CBA HEM E . 6.60 15.44 -10.94
CGA HEM E . 7.80 16.13 -10.25
O1A HEM E . 7.72 17.37 -10.04
O2A HEM E . 8.82 15.55 -9.88
C1B HEM E . 2.97 10.58 -14.47
C2B HEM E . 2.41 10.05 -15.68
C3B HEM E . 1.51 9.11 -15.32
C4B HEM E . 1.45 9.12 -13.83
CMB HEM E . 2.82 10.38 -17.14
CAB HEM E . 0.68 8.33 -16.26
CBB HEM E . -0.60 8.11 -16.04
C1C HEM E . 0.60 8.28 -11.67
C2C HEM E . -0.24 7.41 -10.87
C3C HEM E . -0.05 7.82 -9.59
C4C HEM E . 0.87 8.91 -9.57
CMC HEM E . -1.06 6.30 -11.44
CAC HEM E . -0.70 7.33 -8.37
CBC HEM E . -2.01 6.96 -8.31
C1D HEM E . 2.22 10.60 -8.49
C2D HEM E . 2.68 11.26 -7.26
C3D HEM E . 3.61 12.15 -7.65
C4D HEM E . 3.79 11.94 -9.09
CMD HEM E . 2.13 11.09 -5.88
CAD HEM E . 4.46 13.06 -6.80
CBD HEM E . 5.88 12.57 -6.56
CGD HEM E . 6.78 13.76 -6.26
O1D HEM E . 6.99 14.05 -5.05
O2D HEM E . 7.28 14.41 -7.20
NA HEM E . 4.03 11.83 -12.06
NB HEM E . 2.36 10.00 -13.40
NC HEM E . 1.24 9.17 -10.85
ND HEM E . 2.92 11.05 -9.57
FE HEM E . 2.62 10.54 -11.47
C1 SNP F . 7.08 2.05 -7.04
C2 SNP F . 6.60 2.40 -5.79
C3 SNP F . 5.75 3.51 -5.62
C4 SNP F . 5.36 4.31 -6.69
C5 SNP F . 5.45 4.81 -9.05
C6 SNP F . 5.92 4.49 -10.32
C7 SNP F . 6.77 3.40 -10.53
C8 SNP F . 7.15 2.59 -9.47
C9 SNP F . 6.70 2.88 -8.20
C10 SNP F . 5.81 4.03 -7.97
O1 SNP F . 7.91 0.98 -7.24
C11 SNP F . 7.83 -0.23 -6.49
C12 SNP F . 9.14 -0.99 -6.72
O2 SNP F . 8.95 -2.40 -6.71
C13 SNP F . 9.70 -0.62 -8.08
N1 SNP F . 10.72 -1.58 -8.44
C14 SNP F . 11.71 -2.02 -7.46
C15 SNP F . 13.07 -2.10 -8.13
C16 SNP F . 11.28 -3.35 -6.89
C1 PLM G . 4.38 8.16 -10.32
O1 PLM G . 4.95 8.17 -9.24
O2 PLM G . 4.13 9.12 -11.09
C2 PLM G . 4.14 6.74 -10.79
C3 PLM G . 4.52 5.88 -9.59
C4 PLM G . 5.64 4.88 -9.81
C5 PLM G . 5.77 4.09 -8.52
C6 PLM G . 6.47 2.77 -8.72
C7 PLM G . 6.78 2.17 -7.36
C8 PLM G . 7.69 0.96 -7.57
C9 PLM G . 7.75 0.09 -6.32
CA PLM G . 8.99 -0.79 -6.38
CB PLM G . 8.99 -1.69 -7.61
CC PLM G . 9.71 -1.05 -8.81
CD PLM G . 8.72 -0.39 -9.76
CE PLM G . 9.18 0.99 -10.23
CF PLM G . 9.67 1.01 -11.68
CG PLM G . 8.52 0.90 -12.68
C1 RNP H . 6.99 2.23 -9.35
C2 RNP H . 6.66 3.06 -10.41
C3 RNP H . 5.97 4.25 -10.21
C4 RNP H . 5.61 4.70 -8.93
C5 RNP H . 5.54 4.36 -6.55
C6 RNP H . 5.88 3.57 -5.46
C7 RNP H . 6.56 2.36 -5.63
C8 RNP H . 6.93 1.90 -6.88
C9 RNP H . 6.62 2.66 -7.98
C10 RNP H . 5.90 3.94 -7.81
O1 RNP H . 7.66 1.03 -9.53
C11 RNP H . 7.98 0.52 -10.84
C12 RNP H . 9.29 -0.29 -10.78
O2 RNP H . 10.19 0.19 -11.81
C13 RNP H . 9.10 -1.80 -10.89
N1 RNP H . 8.05 -2.32 -11.36
C14 RNP H . 7.94 -3.77 -11.46
C15 RNP H . 7.07 -4.38 -10.37
C16 RNP H . 9.33 -4.36 -11.45
MG MG I . 7.62 15.88 -4.15
C1 NAG J . 14.28 17.51 11.03
C2 NAG J . 13.68 16.67 12.13
C3 NAG J . 14.21 16.99 13.53
C4 NAG J . 15.73 16.91 13.57
C5 NAG J . 16.37 17.69 12.40
C6 NAG J . 17.84 17.26 12.26
C7 NAG J . 11.50 15.68 11.87
C8 NAG J . 10.01 15.85 11.79
N2 NAG J . 12.23 16.78 12.05
O3 NAG J . 13.72 16.01 14.40
O4 NAG J . 16.28 17.29 14.85
O5 NAG J . 15.71 17.53 11.13
O6 NAG J . 18.49 18.26 11.52
O7 NAG J . 12.02 14.58 11.79
CHA HEM K . -3.40 -12.43 10.20
CHB HEM K . -7.65 -11.63 12.26
CHC HEM K . -8.85 -8.75 8.66
CHD HEM K . -4.76 -9.63 6.44
C1A HEM K . -4.43 -12.39 11.11
C2A HEM K . -4.34 -12.97 12.40
C3A HEM K . -5.54 -12.77 13.01
C4A HEM K . -6.32 -11.98 12.10
CMA HEM K . -5.90 -13.19 14.45
CAA HEM K . -3.09 -13.61 12.96
CBA HEM K . -2.81 -15.02 12.43
CGA HEM K . -1.53 -15.57 13.04
O1A HEM K . -1.35 -16.86 12.88
O2A HEM K . -0.70 -14.88 13.69
C1B HEM K . -8.42 -10.82 11.47
C2B HEM K . -9.77 -10.43 11.71
C3B HEM K . -10.14 -9.60 10.65
C4B HEM K . -8.97 -9.51 9.79
CMB HEM K . -10.58 -10.93 12.89
CAB HEM K . -11.51 -9.00 10.54
CBB HEM K . -12.06 -8.93 9.37
C1C HEM K . -7.80 -8.63 7.79
C2C HEM K . -7.83 -7.79 6.61
C3C HEM K . -6.67 -8.07 5.96
C4C HEM K . -5.95 -9.08 6.78
CMC HEM K . -8.88 -6.78 6.19
CAC HEM K . -6.12 -7.61 4.70
CBC HEM K . -6.88 -7.44 3.67
C1D HEM K . -4.08 -10.55 7.25
C2D HEM K . -2.76 -11.11 6.92
C3D HEM K . -2.38 -11.88 7.97
C4D HEM K . -3.46 -11.79 8.95
CMD HEM K . -1.92 -10.87 5.63
CAD HEM K . -1.15 -12.71 8.17
CBD HEM K . -0.15 -12.04 9.09
CGD HEM K . 0.73 -13.08 9.67
O1D HEM K . 1.86 -13.29 9.12
O2D HEM K . 0.39 -13.77 10.68
NA HEM K . -5.65 -11.79 10.90
NB HEM K . -8.00 -10.28 10.32
NC HEM K . -6.70 -9.44 7.89
ND HEM K . -4.48 -10.97 8.52
FE HEM K . -6.20 -10.66 9.37
C1 SNP L . -1.31 -1.53 9.82
C2 SNP L . -0.50 -1.79 8.72
C3 SNP L . -0.64 -2.98 7.99
C4 SNP L . -1.60 -3.96 8.33
C5 SNP L . -3.38 -4.73 9.78
C6 SNP L . -4.20 -4.50 10.88
C7 SNP L . -4.10 -3.31 11.63
C8 SNP L . -3.17 -2.34 11.31
C9 SNP L . -2.32 -2.53 10.22
C10 SNP L . -2.43 -3.78 9.42
O1 SNP L . -1.15 -0.36 10.52
C11 SNP L . -0.48 0.74 9.92
C12 SNP L . -0.43 1.90 10.91
O2 SNP L . -1.72 2.50 10.99
C13 SNP L . -0.03 1.39 12.29
N1 SNP L . 1.22 2.00 12.70
C14 SNP L . 1.46 3.42 12.56
C15 SNP L . 2.73 3.66 11.73
C16 SNP L . 1.55 4.08 13.94
C1 PLM M . -4.44 -8.02 10.30
O1 PLM M . -3.27 -7.94 9.89
O2 PLM M . -5.25 -9.00 10.28
C2 PLM M . -4.90 -6.79 11.07
C3 PLM M . -4.67 -5.48 10.29
C4 PLM M . -3.27 -4.88 10.52
C5 PLM M . -2.80 -3.87 9.48
C6 PLM M . -2.75 -2.47 10.12
C7 PLM M . -1.54 -1.65 9.70
C8 PLM M . -1.35 -0.47 10.65
C9 PLM M . -0.60 0.70 9.99
CA PLM M . -0.71 1.95 10.87
CB PLM M . -0.06 1.73 12.25
CC PLM M . 0.72 2.99 12.66
CD PLM M . 0.76 3.22 14.18
CE PLM M . -0.59 3.03 14.87
CF PLM M . -1.37 4.34 14.87
CG PLM M . -1.72 4.76 16.29
C1 RNP N . -2.39 -1.99 11.61
C2 RNP N . -3.43 -2.76 12.10
C3 RNP N . -3.90 -3.89 11.39
C4 RNP N . -3.35 -4.30 10.18
C5 RNP N . -1.72 -3.95 8.40
C6 RNP N . -0.66 -3.22 7.86
C7 RNP N . -0.17 -2.10 8.52
C8 RNP N . -0.71 -1.68 9.73
C9 RNP N . -1.76 -2.39 10.31
C10 RNP N . -2.29 -3.58 9.61
O1 RNP N . -1.93 -0.89 12.32
C11 RNP N . -2.75 0.05 13.02
C12 RNP N . -3.19 -0.52 14.36
O2 RNP N . -4.59 -0.77 14.29
C13 RNP N . -3.04 0.50 15.46
N1 RNP N . -4.11 1.01 15.90
C14 RNP N . -4.14 1.98 16.97
C15 RNP N . -4.66 3.35 16.52
C16 RNP N . -2.72 1.97 17.54
MG MG O . 3.23 -14.97 9.19
C1 NAG P . -11.39 -12.80 -10.73
C2 NAG P . -11.64 -11.73 -11.83
C3 NAG P . -10.51 -11.53 -12.88
C4 NAG P . -9.13 -12.14 -12.52
C5 NAG P . -9.27 -13.37 -11.59
C6 NAG P . -7.91 -13.91 -11.15
C7 NAG P . -13.80 -10.89 -12.74
C8 NAG P . -13.32 -9.46 -12.76
N2 NAG P . -13.01 -11.91 -12.33
O3 NAG P . -10.33 -10.13 -13.08
O4 NAG P . -8.39 -12.47 -13.68
O5 NAG P . -10.03 -12.98 -10.44
O6 NAG P . -8.08 -14.65 -9.94
O7 NAG P . -14.95 -11.15 -13.12
P PO4 Q . -7.66 -28.29 23.74
O1 PO4 Q . -7.99 -29.64 24.46
O2 PO4 Q . -6.31 -28.29 23.04
O3 PO4 Q . -7.48 -27.19 24.85
O4 PO4 Q . -8.81 -27.93 22.77
#